data_2P95
#
_entry.id   2P95
#
_cell.length_a   57.600
_cell.length_b   72.300
_cell.length_c   78.900
_cell.angle_alpha   90.00
_cell.angle_beta   90.00
_cell.angle_gamma   90.00
#
_symmetry.space_group_name_H-M   'P 21 21 21'
#
loop_
_entity.id
_entity.type
_entity.pdbx_description
1 polymer 'Factor Xa'
2 polymer 'Factor Xa'
3 non-polymer '5-CHLORO-N-((1R,2S)-2-(4-(2-OXOPYRIDIN-1(2H)-YL)BENZAMIDO) CYCLOPENTYL)THIOPHENE-2-CARBOXAMIDE'
4 water water
#
loop_
_entity_poly.entity_id
_entity_poly.type
_entity_poly.pdbx_seq_one_letter_code
_entity_poly.pdbx_strand_id
1 'polypeptide(L)'
;IVGGQECKDGECPWQALLINEENEGFCGGTILSEFYILTAAHCLYQAKRFKVRVGDRNTEQEEGGEAVHEVEVVIKHNRF
TKETYDFDIAVLRLKTPITFRMNVAPACLPERDWAESTLMTQKTGIVSGFGRTHEKGRQSTRLKMLEVPYVDRNSCKLSS
SFIITQNMFCAGYDTKQEDACQGDSGGPHVTRFKDTYFVTGIVSWGEGCARKGKYGIYTKVTAFLKWIDRSMKT
;
A
2 'polypeptide(L)' KLCSLDNGDCDQFCHEEQNSVVCSCARGYTLADNGKACIPTGPYPCGKQTLE L
#
# COMPACT_ATOMS: atom_id res chain seq x y z
N ILE A 1 7.18 -9.91 7.29
CA ILE A 1 6.02 -9.87 8.21
C ILE A 1 6.24 -10.81 9.40
N VAL A 2 5.97 -10.30 10.61
CA VAL A 2 6.10 -11.07 11.84
C VAL A 2 4.67 -11.32 12.28
N GLY A 3 4.33 -12.57 12.59
CA GLY A 3 2.97 -12.87 12.97
C GLY A 3 2.08 -12.84 11.73
N GLY A 4 0.84 -12.40 11.89
CA GLY A 4 -0.08 -12.34 10.75
C GLY A 4 -0.41 -13.66 10.10
N GLN A 5 -0.85 -13.60 8.84
CA GLN A 5 -1.23 -14.79 8.11
C GLN A 5 -0.77 -14.81 6.65
N GLU A 6 -0.94 -15.96 6.01
CA GLU A 6 -0.59 -16.14 4.61
C GLU A 6 -1.67 -15.52 3.74
N CYS A 7 -1.27 -14.82 2.69
CA CYS A 7 -2.26 -14.26 1.78
C CYS A 7 -2.76 -15.43 0.98
N LYS A 8 -4.07 -15.65 1.02
CA LYS A 8 -4.68 -16.74 0.29
C LYS A 8 -4.92 -16.30 -1.15
N ASP A 9 -5.24 -17.26 -2.02
CA ASP A 9 -5.45 -16.97 -3.42
C ASP A 9 -6.33 -15.76 -3.70
N GLY A 10 -5.75 -14.77 -4.38
CA GLY A 10 -6.47 -13.56 -4.73
C GLY A 10 -6.66 -12.46 -3.69
N GLU A 11 -6.16 -12.64 -2.47
CA GLU A 11 -6.35 -11.66 -1.39
C GLU A 11 -5.49 -10.40 -1.38
N CYS A 12 -4.33 -10.43 -2.04
CA CYS A 12 -3.44 -9.26 -2.10
C CYS A 12 -2.88 -9.13 -3.52
N PRO A 13 -3.78 -9.03 -4.52
CA PRO A 13 -3.43 -8.92 -5.93
C PRO A 13 -2.58 -7.69 -6.33
N TRP A 14 -2.57 -6.68 -5.47
CA TRP A 14 -1.82 -5.46 -5.72
C TRP A 14 -0.38 -5.47 -5.21
N GLN A 15 0.06 -6.60 -4.67
CA GLN A 15 1.42 -6.70 -4.14
C GLN A 15 2.45 -6.87 -5.27
N ALA A 16 3.55 -6.14 -5.18
CA ALA A 16 4.62 -6.21 -6.16
C ALA A 16 5.89 -6.54 -5.37
N LEU A 17 6.86 -7.15 -6.03
CA LEU A 17 8.10 -7.54 -5.40
C LEU A 17 9.30 -7.10 -6.23
N LEU A 18 10.19 -6.32 -5.63
CA LEU A 18 11.38 -5.87 -6.32
C LEU A 18 12.41 -6.97 -6.13
N ILE A 19 12.98 -7.42 -7.24
CA ILE A 19 13.98 -8.48 -7.22
C ILE A 19 15.29 -8.00 -7.83
N ASN A 20 16.40 -8.44 -7.23
CA ASN A 20 17.70 -8.03 -7.74
C ASN A 20 18.17 -8.99 -8.83
N GLU A 21 19.34 -8.69 -9.38
CA GLU A 21 19.96 -9.47 -10.44
C GLU A 21 20.03 -10.97 -10.14
N GLU A 22 19.81 -11.34 -8.88
CA GLU A 22 19.86 -12.73 -8.48
C GLU A 22 18.44 -13.28 -8.31
N ASN A 23 17.46 -12.53 -8.83
CA ASN A 23 16.05 -12.92 -8.76
C ASN A 23 15.56 -13.16 -7.33
N GLU A 24 16.13 -12.43 -6.38
CA GLU A 24 15.74 -12.53 -4.97
C GLU A 24 15.11 -11.20 -4.53
N GLY A 25 13.98 -11.29 -3.83
CA GLY A 25 13.30 -10.09 -3.39
C GLY A 25 13.94 -9.34 -2.24
N PHE A 26 14.10 -8.03 -2.39
CA PHE A 26 14.68 -7.23 -1.33
C PHE A 26 13.65 -6.23 -0.77
N CYS A 27 12.66 -5.87 -1.59
CA CYS A 27 11.62 -4.92 -1.18
C CYS A 27 10.29 -5.19 -1.84
N GLY A 28 9.24 -4.54 -1.31
CA GLY A 28 7.91 -4.69 -1.85
C GLY A 28 7.47 -3.44 -2.61
N GLY A 29 6.21 -3.44 -3.06
CA GLY A 29 5.65 -2.32 -3.79
C GLY A 29 4.15 -2.52 -3.96
N THR A 30 3.43 -1.52 -4.47
CA THR A 30 1.98 -1.63 -4.68
C THR A 30 1.61 -1.33 -6.14
N ILE A 31 0.74 -2.13 -6.73
CA ILE A 31 0.30 -1.88 -8.10
C ILE A 31 -0.70 -0.72 -8.11
N LEU A 32 -0.44 0.29 -8.94
CA LEU A 32 -1.33 1.45 -9.03
C LEU A 32 -2.17 1.46 -10.30
N SER A 33 -1.62 0.87 -11.36
CA SER A 33 -2.30 0.75 -12.65
C SER A 33 -1.47 -0.17 -13.54
N GLU A 34 -1.90 -0.39 -14.78
CA GLU A 34 -1.17 -1.29 -15.67
C GLU A 34 0.29 -0.88 -15.90
N PHE A 35 0.61 0.40 -15.73
CA PHE A 35 1.97 0.89 -15.95
C PHE A 35 2.72 1.41 -14.73
N TYR A 36 2.03 1.59 -13.60
CA TYR A 36 2.69 2.16 -12.42
C TYR A 36 2.73 1.39 -11.10
N ILE A 37 3.89 1.50 -10.45
CA ILE A 37 4.15 0.85 -9.16
C ILE A 37 4.55 1.89 -8.10
N LEU A 38 4.02 1.74 -6.89
CA LEU A 38 4.33 2.62 -5.77
C LEU A 38 5.29 1.87 -4.85
N THR A 39 6.29 2.55 -4.31
CA THR A 39 7.24 1.89 -3.41
C THR A 39 7.97 2.95 -2.57
N ALA A 40 8.97 2.53 -1.81
CA ALA A 40 9.74 3.46 -0.99
C ALA A 40 11.00 3.93 -1.70
N ALA A 41 11.43 5.15 -1.39
CA ALA A 41 12.61 5.72 -1.99
C ALA A 41 13.88 5.05 -1.46
N HIS A 42 13.86 4.59 -0.21
CA HIS A 42 15.04 3.95 0.35
C HIS A 42 15.29 2.55 -0.23
N CYS A 43 14.33 2.04 -1.00
CA CYS A 43 14.46 0.74 -1.62
C CYS A 43 15.33 0.85 -2.86
N LEU A 44 15.33 2.03 -3.47
CA LEU A 44 16.10 2.27 -4.67
C LEU A 44 17.61 2.23 -4.39
N TYR A 45 17.99 1.96 -3.14
CA TYR A 45 19.39 1.88 -2.75
C TYR A 45 19.78 0.43 -2.44
N GLN A 46 18.77 -0.39 -2.16
CA GLN A 46 18.98 -1.80 -1.84
C GLN A 46 19.50 -2.59 -3.03
N ALA A 47 19.69 -1.92 -4.16
CA ALA A 47 20.20 -2.57 -5.38
C ALA A 47 20.28 -1.60 -6.54
N LYS A 48 21.15 -1.91 -7.51
CA LYS A 48 21.34 -1.07 -8.69
C LYS A 48 20.27 -1.37 -9.73
N ARG A 49 20.37 -2.54 -10.34
CA ARG A 49 19.37 -2.93 -11.33
C ARG A 49 18.41 -3.94 -10.69
N PHE A 50 17.12 -3.67 -10.83
CA PHE A 50 16.11 -4.55 -10.27
C PHE A 50 14.89 -4.59 -11.20
N LYS A 51 14.06 -5.62 -11.01
CA LYS A 51 12.85 -5.78 -11.80
C LYS A 51 11.69 -5.94 -10.83
N VAL A 52 10.47 -5.94 -11.36
CA VAL A 52 9.27 -6.06 -10.55
C VAL A 52 8.49 -7.31 -10.91
N ARG A 53 8.17 -8.11 -9.90
CA ARG A 53 7.42 -9.33 -10.10
C ARG A 53 6.02 -9.21 -9.49
N VAL A 54 5.00 -9.60 -10.25
CA VAL A 54 3.62 -9.56 -9.80
C VAL A 54 3.00 -10.95 -9.89
N GLY A 55 1.92 -11.15 -9.15
CA GLY A 55 1.21 -12.43 -9.17
C GLY A 55 1.92 -13.57 -8.48
N ASP A 56 2.94 -13.25 -7.68
CA ASP A 56 3.71 -14.28 -6.97
C ASP A 56 3.22 -14.39 -5.53
N ARG A 57 3.10 -15.61 -5.03
CA ARG A 57 2.64 -15.81 -3.67
C ARG A 57 3.54 -16.80 -2.93
N ASN A 58 4.35 -17.51 -3.70
CA ASN A 58 5.28 -18.51 -3.16
C ASN A 58 6.57 -18.44 -3.97
N THR A 59 7.61 -17.86 -3.37
CA THR A 59 8.92 -17.68 -3.98
C THR A 59 9.67 -18.95 -4.42
N GLU A 60 9.50 -20.04 -3.68
CA GLU A 60 10.18 -21.29 -3.98
C GLU A 60 9.99 -21.81 -5.40
N GLN A 61 8.73 -21.96 -5.83
CA GLN A 61 8.48 -22.44 -7.18
C GLN A 61 7.68 -21.46 -8.03
N GLU A 62 7.36 -21.86 -9.26
CA GLU A 62 6.61 -21.00 -10.16
C GLU A 62 5.27 -21.65 -10.54
N GLU A 63 4.19 -21.10 -9.99
CA GLU A 63 2.84 -21.57 -10.21
C GLU A 63 2.32 -21.36 -11.64
N GLY A 64 2.72 -20.25 -12.26
CA GLY A 64 2.28 -19.97 -13.61
C GLY A 64 1.53 -18.66 -13.75
N GLY A 65 1.33 -17.96 -12.64
CA GLY A 65 0.64 -16.69 -12.69
C GLY A 65 1.57 -15.52 -12.56
N GLU A 66 2.82 -15.77 -12.16
CA GLU A 66 3.80 -14.70 -11.99
C GLU A 66 4.14 -13.99 -13.29
N ALA A 67 4.76 -12.83 -13.15
CA ALA A 67 5.17 -12.04 -14.29
C ALA A 67 6.24 -11.04 -13.84
N VAL A 68 7.34 -11.01 -14.57
CA VAL A 68 8.42 -10.09 -14.28
C VAL A 68 8.31 -8.92 -15.27
N HIS A 69 8.46 -7.70 -14.76
CA HIS A 69 8.38 -6.49 -15.59
C HIS A 69 9.64 -5.67 -15.40
N GLU A 70 10.08 -5.02 -16.47
CA GLU A 70 11.25 -4.18 -16.41
C GLU A 70 10.83 -2.73 -16.13
N VAL A 71 11.64 -2.03 -15.36
CA VAL A 71 11.36 -0.65 -15.02
C VAL A 71 11.87 0.27 -16.12
N GLU A 72 10.99 1.13 -16.63
CA GLU A 72 11.37 2.07 -17.69
C GLU A 72 11.90 3.35 -17.05
N VAL A 73 11.12 3.89 -16.13
CA VAL A 73 11.48 5.13 -15.44
C VAL A 73 11.32 5.00 -13.94
N VAL A 74 12.35 5.46 -13.22
CA VAL A 74 12.34 5.45 -11.78
C VAL A 74 12.10 6.89 -11.35
N ILE A 75 11.09 7.10 -10.50
CA ILE A 75 10.75 8.43 -10.05
C ILE A 75 10.77 8.51 -8.53
N LYS A 76 11.94 8.81 -7.97
CA LYS A 76 12.07 8.93 -6.52
C LYS A 76 11.89 10.37 -6.08
N HIS A 77 11.23 10.56 -4.94
CA HIS A 77 11.00 11.91 -4.44
C HIS A 77 12.36 12.54 -4.13
N ASN A 78 12.57 13.75 -4.61
CA ASN A 78 13.85 14.44 -4.41
C ASN A 78 14.13 14.97 -3.00
N ARG A 79 13.21 14.74 -2.06
CA ARG A 79 13.41 15.22 -0.71
C ARG A 79 13.80 14.12 0.26
N PHE A 80 13.92 12.90 -0.26
CA PHE A 80 14.30 11.79 0.58
C PHE A 80 15.76 11.83 1.02
N THR A 81 16.03 11.43 2.27
CA THR A 81 17.38 11.37 2.81
C THR A 81 17.40 10.28 3.88
N LYS A 82 18.45 9.46 3.88
CA LYS A 82 18.57 8.38 4.84
C LYS A 82 18.82 8.91 6.24
N GLU A 83 19.02 10.23 6.33
CA GLU A 83 19.29 10.88 7.60
C GLU A 83 18.01 10.98 8.41
N THR A 84 16.89 11.17 7.72
CA THR A 84 15.59 11.29 8.38
C THR A 84 14.58 10.26 7.90
N TYR A 85 14.68 9.87 6.63
CA TYR A 85 13.76 8.91 6.02
C TYR A 85 12.44 9.58 5.70
N ASP A 86 12.46 10.90 5.60
CA ASP A 86 11.28 11.68 5.28
C ASP A 86 11.10 11.63 3.77
N PHE A 87 9.86 11.76 3.28
CA PHE A 87 9.60 11.71 1.84
C PHE A 87 10.02 10.37 1.25
N ASP A 88 9.79 9.30 2.00
CA ASP A 88 10.17 7.96 1.56
C ASP A 88 9.09 7.44 0.60
N ILE A 89 9.17 7.90 -0.65
CA ILE A 89 8.21 7.52 -1.68
C ILE A 89 8.80 7.57 -3.09
N ALA A 90 8.39 6.62 -3.91
CA ALA A 90 8.86 6.54 -5.28
C ALA A 90 7.83 5.89 -6.18
N VAL A 91 7.87 6.21 -7.45
CA VAL A 91 6.95 5.64 -8.43
C VAL A 91 7.77 5.05 -9.58
N LEU A 92 7.40 3.86 -9.99
CA LEU A 92 8.08 3.17 -11.07
C LEU A 92 7.14 3.02 -12.26
N ARG A 93 7.59 3.45 -13.44
CA ARG A 93 6.78 3.26 -14.62
C ARG A 93 7.38 2.07 -15.34
N LEU A 94 6.58 1.04 -15.55
CA LEU A 94 7.06 -0.16 -16.21
C LEU A 94 7.12 0.01 -17.72
N LYS A 95 7.98 -0.80 -18.32
CA LYS A 95 8.15 -0.77 -19.76
C LYS A 95 6.97 -1.43 -20.46
N THR A 96 6.44 -2.50 -19.86
CA THR A 96 5.31 -3.21 -20.44
C THR A 96 4.09 -3.15 -19.50
N PRO A 97 2.86 -3.07 -20.06
CA PRO A 97 1.71 -3.00 -19.16
C PRO A 97 1.41 -4.32 -18.44
N ILE A 98 1.04 -4.21 -17.17
CA ILE A 98 0.70 -5.38 -16.38
C ILE A 98 -0.67 -5.89 -16.86
N THR A 99 -0.79 -7.20 -17.04
CA THR A 99 -2.06 -7.78 -17.46
C THR A 99 -2.74 -8.29 -16.20
N PHE A 100 -3.89 -7.72 -15.85
CA PHE A 100 -4.61 -8.11 -14.66
C PHE A 100 -5.25 -9.49 -14.78
N ARG A 101 -5.20 -10.23 -13.68
CA ARG A 101 -5.73 -11.58 -13.63
C ARG A 101 -5.78 -11.96 -12.16
N MET A 102 -5.98 -13.24 -11.89
CA MET A 102 -6.00 -13.74 -10.53
C MET A 102 -4.68 -13.35 -9.86
N ASN A 103 -4.77 -12.73 -8.69
CA ASN A 103 -3.60 -12.28 -7.94
C ASN A 103 -2.88 -11.08 -8.54
N VAL A 104 -3.45 -10.49 -9.60
CA VAL A 104 -2.83 -9.30 -10.19
C VAL A 104 -3.91 -8.28 -10.52
N ALA A 105 -3.97 -7.22 -9.72
CA ALA A 105 -4.94 -6.14 -9.87
C ALA A 105 -4.50 -4.92 -9.05
N PRO A 106 -4.87 -3.71 -9.49
CA PRO A 106 -4.46 -2.52 -8.75
C PRO A 106 -5.27 -2.21 -7.49
N ALA A 107 -4.66 -1.44 -6.60
CA ALA A 107 -5.31 -1.01 -5.36
C ALA A 107 -5.84 0.37 -5.72
N CYS A 108 -6.90 0.83 -5.05
CA CYS A 108 -7.46 2.14 -5.37
C CYS A 108 -6.75 3.32 -4.72
N LEU A 109 -6.63 4.41 -5.48
CA LEU A 109 -6.06 5.64 -4.96
C LEU A 109 -7.29 6.43 -4.53
N PRO A 110 -7.32 6.89 -3.27
CA PRO A 110 -8.46 7.64 -2.79
C PRO A 110 -8.26 9.15 -2.95
N GLU A 111 -9.31 9.91 -2.64
CA GLU A 111 -9.23 11.37 -2.70
C GLU A 111 -8.75 11.77 -1.30
N ARG A 112 -7.87 12.76 -1.23
CA ARG A 112 -7.30 13.22 0.03
C ARG A 112 -8.23 13.45 1.22
N ASP A 113 -9.07 14.48 1.15
CA ASP A 113 -9.98 14.78 2.25
C ASP A 113 -10.81 13.58 2.72
N TRP A 114 -11.43 12.87 1.79
CA TRP A 114 -12.24 11.70 2.13
C TRP A 114 -11.41 10.61 2.83
N ALA A 115 -10.22 10.34 2.29
CA ALA A 115 -9.31 9.33 2.84
C ALA A 115 -8.92 9.60 4.29
N GLU A 116 -8.47 10.82 4.56
CA GLU A 116 -8.05 11.18 5.91
C GLU A 116 -9.22 11.17 6.89
N SER A 117 -10.42 11.50 6.42
CA SER A 117 -11.60 11.53 7.26
C SER A 117 -12.29 10.18 7.36
N THR A 118 -12.22 9.38 6.31
CA THR A 118 -12.91 8.10 6.32
C THR A 118 -12.06 6.84 6.39
N LEU A 119 -10.88 6.86 5.79
CA LEU A 119 -10.03 5.67 5.80
C LEU A 119 -9.11 5.58 7.01
N MET A 120 -8.39 6.66 7.25
CA MET A 120 -7.44 6.66 8.33
C MET A 120 -8.03 6.85 9.71
N THR A 121 -9.35 6.93 9.77
CA THR A 121 -10.02 7.06 11.05
C THR A 121 -10.63 5.70 11.37
N GLN A 122 -10.45 4.76 10.44
CA GLN A 122 -10.94 3.40 10.67
C GLN A 122 -10.02 2.85 11.75
N LYS A 123 -10.35 1.68 12.26
CA LYS A 123 -9.56 1.06 13.31
C LYS A 123 -8.20 0.52 12.87
N THR A 124 -8.20 -0.21 11.76
CA THR A 124 -6.97 -0.82 11.26
C THR A 124 -6.67 -0.66 9.77
N GLY A 125 -5.46 -1.08 9.41
CA GLY A 125 -4.99 -1.06 8.04
C GLY A 125 -4.39 -2.44 7.77
N ILE A 126 -4.08 -2.73 6.50
CA ILE A 126 -3.52 -4.02 6.15
C ILE A 126 -2.13 -3.85 5.51
N VAL A 127 -1.14 -4.53 6.05
CA VAL A 127 0.21 -4.48 5.51
C VAL A 127 0.60 -5.87 5.00
N SER A 128 1.47 -5.94 3.99
CA SER A 128 1.87 -7.23 3.43
C SER A 128 3.31 -7.24 2.90
N GLY A 129 3.86 -8.42 2.65
CA GLY A 129 5.23 -8.53 2.13
C GLY A 129 5.90 -9.89 2.31
N PHE A 130 7.02 -10.09 1.61
CA PHE A 130 7.79 -11.32 1.69
C PHE A 130 8.95 -11.13 2.66
N GLY A 131 8.85 -10.16 3.56
CA GLY A 131 9.91 -9.88 4.50
C GLY A 131 10.18 -10.92 5.58
N ARG A 132 11.13 -10.61 6.45
CA ARG A 132 11.51 -11.51 7.54
C ARG A 132 10.39 -11.81 8.51
N THR A 133 10.33 -13.07 8.94
CA THR A 133 9.29 -13.51 9.88
C THR A 133 9.71 -13.30 11.34
N HIS A 134 10.98 -12.98 11.54
CA HIS A 134 11.55 -12.72 12.87
C HIS A 134 12.61 -11.64 12.65
N GLU A 135 12.77 -10.74 13.62
CA GLU A 135 13.76 -9.67 13.49
C GLU A 135 15.04 -10.20 12.87
N LYS A 136 15.43 -11.39 13.30
CA LYS A 136 16.62 -12.06 12.78
C LYS A 136 16.18 -13.33 12.08
N GLY A 137 16.40 -13.40 10.79
CA GLY A 137 16.00 -14.58 10.04
C GLY A 137 16.07 -14.30 8.56
N ARG A 138 15.70 -15.30 7.76
CA ARG A 138 15.71 -15.13 6.31
C ARG A 138 14.36 -14.61 5.87
N GLN A 139 14.32 -14.02 4.68
CA GLN A 139 13.08 -13.50 4.11
C GLN A 139 12.10 -14.66 4.05
N SER A 140 10.82 -14.35 3.86
CA SER A 140 9.80 -15.39 3.77
C SER A 140 9.70 -15.81 2.32
N THR A 141 9.33 -17.05 2.09
CA THR A 141 9.17 -17.56 0.73
C THR A 141 7.69 -17.53 0.38
N ARG A 142 6.87 -17.16 1.36
CA ARG A 142 5.41 -17.06 1.19
C ARG A 142 5.00 -15.61 1.42
N LEU A 143 4.03 -15.13 0.64
CA LEU A 143 3.54 -13.79 0.81
C LEU A 143 2.66 -13.78 2.05
N LYS A 144 2.86 -12.80 2.92
CA LYS A 144 2.08 -12.71 4.14
C LYS A 144 1.43 -11.35 4.30
N MET A 145 0.31 -11.32 5.03
CA MET A 145 -0.42 -10.10 5.31
C MET A 145 -0.67 -10.03 6.84
N LEU A 146 -0.93 -8.82 7.33
CA LEU A 146 -1.17 -8.60 8.75
C LEU A 146 -1.98 -7.34 9.00
N GLU A 147 -3.03 -7.48 9.80
CA GLU A 147 -3.88 -6.35 10.14
C GLU A 147 -3.22 -5.55 11.27
N VAL A 148 -2.90 -4.30 10.99
CA VAL A 148 -2.25 -3.44 11.98
C VAL A 148 -3.07 -2.18 12.33
N PRO A 149 -3.37 -2.00 13.62
CA PRO A 149 -4.15 -0.86 14.09
C PRO A 149 -3.47 0.48 13.87
N TYR A 150 -4.26 1.51 13.61
CA TYR A 150 -3.73 2.85 13.44
C TYR A 150 -3.34 3.29 14.85
N VAL A 151 -2.15 3.87 14.98
CA VAL A 151 -1.66 4.32 16.27
C VAL A 151 -1.83 5.82 16.45
N ASP A 152 -2.25 6.25 17.64
CA ASP A 152 -2.42 7.66 17.95
C ASP A 152 -1.11 8.36 17.56
N ARG A 153 -1.23 9.48 16.86
CA ARG A 153 -0.07 10.22 16.41
C ARG A 153 0.82 10.68 17.56
N ASN A 154 0.21 11.14 18.64
CA ASN A 154 0.94 11.61 19.80
C ASN A 154 1.66 10.45 20.48
N SER A 155 0.95 9.32 20.61
CA SER A 155 1.49 8.12 21.24
C SER A 155 2.74 7.63 20.52
N CYS A 156 2.70 7.63 19.19
CA CYS A 156 3.84 7.15 18.42
C CYS A 156 5.00 8.14 18.42
N LYS A 157 4.70 9.44 18.43
CA LYS A 157 5.74 10.44 18.45
C LYS A 157 6.49 10.23 19.76
N LEU A 158 5.74 9.93 20.81
CA LEU A 158 6.29 9.72 22.13
C LEU A 158 7.18 8.47 22.20
N SER A 159 6.75 7.40 21.54
CA SER A 159 7.48 6.14 21.57
C SER A 159 8.67 6.05 20.63
N SER A 160 8.81 7.01 19.72
CA SER A 160 9.91 6.97 18.77
C SER A 160 11.15 7.73 19.23
N SER A 161 12.32 7.26 18.79
CA SER A 161 13.57 7.91 19.14
C SER A 161 14.03 8.76 17.95
N PHE A 162 13.20 8.81 16.92
CA PHE A 162 13.47 9.58 15.71
C PHE A 162 12.25 10.46 15.47
N ILE A 163 12.43 11.55 14.75
CA ILE A 163 11.33 12.47 14.47
C ILE A 163 10.29 11.90 13.50
N ILE A 164 9.03 11.86 13.93
CA ILE A 164 7.94 11.38 13.08
C ILE A 164 7.38 12.63 12.39
N THR A 165 7.70 12.79 11.11
CA THR A 165 7.23 13.95 10.36
C THR A 165 5.80 13.76 9.91
N GLN A 166 5.24 14.80 9.30
CA GLN A 166 3.86 14.75 8.82
C GLN A 166 3.69 13.91 7.58
N ASN A 167 4.78 13.35 7.09
CA ASN A 167 4.71 12.51 5.90
C ASN A 167 4.74 11.04 6.31
N MET A 168 4.60 10.79 7.62
CA MET A 168 4.61 9.43 8.13
C MET A 168 3.46 9.27 9.11
N PHE A 169 3.15 8.02 9.45
CA PHE A 169 2.14 7.69 10.44
C PHE A 169 2.57 6.35 11.01
N CYS A 170 2.01 5.99 12.16
CA CYS A 170 2.38 4.73 12.80
C CYS A 170 1.23 3.74 12.79
N ALA A 171 1.58 2.46 12.68
CA ALA A 171 0.58 1.41 12.68
C ALA A 171 1.18 0.18 13.34
N GLY A 172 0.41 -0.50 14.17
CA GLY A 172 0.92 -1.69 14.83
C GLY A 172 0.43 -1.96 16.23
N TYR A 173 1.26 -2.65 17.01
CA TYR A 173 0.95 -3.02 18.40
C TYR A 173 2.07 -2.61 19.32
N ASP A 174 1.69 -2.16 20.52
CA ASP A 174 2.65 -1.74 21.52
C ASP A 174 3.52 -2.91 21.96
N THR A 175 2.86 -3.96 22.48
CA THR A 175 3.55 -5.13 22.98
C THR A 175 3.39 -6.38 22.12
N LYS A 176 2.19 -6.62 21.61
CA LYS A 176 1.92 -7.80 20.79
C LYS A 176 3.05 -7.98 19.78
N GLN A 177 3.35 -9.23 19.44
CA GLN A 177 4.46 -9.53 18.52
C GLN A 177 4.19 -9.60 17.01
N GLU A 178 3.47 -8.60 16.49
CA GLU A 178 3.17 -8.56 15.06
C GLU A 178 3.59 -7.21 14.51
N ASP A 179 4.28 -7.23 13.38
CA ASP A 179 4.76 -6.01 12.77
C ASP A 179 5.43 -6.37 11.45
N ALA A 180 5.67 -5.36 10.62
CA ALA A 180 6.35 -5.59 9.35
C ALA A 180 7.81 -5.77 9.73
N CYS A 181 8.66 -6.04 8.75
CA CYS A 181 10.06 -6.26 9.04
C CYS A 181 10.93 -6.06 7.81
N GLN A 182 12.22 -6.33 7.98
CA GLN A 182 13.19 -6.18 6.91
C GLN A 182 12.72 -6.97 5.68
N GLY A 183 12.58 -6.28 4.57
CA GLY A 183 12.14 -6.94 3.35
C GLY A 183 10.75 -6.55 2.89
N ASP A 184 9.95 -6.00 3.80
CA ASP A 184 8.58 -5.58 3.47
C ASP A 184 8.53 -4.11 3.06
N SER A 185 9.66 -3.42 3.20
CA SER A 185 9.77 -2.01 2.87
C SER A 185 9.30 -1.69 1.47
N GLY A 186 8.59 -0.58 1.32
CA GLY A 186 8.08 -0.17 0.02
C GLY A 186 6.77 -0.90 -0.30
N GLY A 187 6.46 -1.90 0.52
CA GLY A 187 5.26 -2.68 0.30
C GLY A 187 3.97 -1.93 0.56
N PRO A 188 2.82 -2.58 0.32
CA PRO A 188 1.55 -1.89 0.56
C PRO A 188 0.92 -1.90 1.94
N HIS A 189 0.23 -0.79 2.21
CA HIS A 189 -0.57 -0.62 3.42
C HIS A 189 -1.85 -0.09 2.80
N VAL A 190 -2.92 -0.86 2.95
CA VAL A 190 -4.20 -0.50 2.39
C VAL A 190 -5.26 -0.46 3.49
N THR A 191 -6.36 0.21 3.19
CA THR A 191 -7.46 0.30 4.16
C THR A 191 -8.73 -0.09 3.42
N ARG A 192 -9.53 -0.94 4.06
CA ARG A 192 -10.77 -1.43 3.47
C ARG A 192 -12.00 -0.59 3.80
N PHE A 193 -12.79 -0.28 2.78
CA PHE A 193 -14.03 0.46 2.98
C PHE A 193 -15.08 -0.14 2.08
N LYS A 194 -16.03 -0.87 2.68
CA LYS A 194 -17.11 -1.51 1.93
C LYS A 194 -16.56 -2.46 0.87
N ASP A 195 -15.75 -3.40 1.33
CA ASP A 195 -15.16 -4.40 0.45
C ASP A 195 -14.30 -3.86 -0.69
N THR A 196 -13.80 -2.64 -0.52
CA THR A 196 -12.91 -2.02 -1.52
C THR A 196 -11.66 -1.57 -0.77
N TYR A 197 -10.49 -1.95 -1.28
CA TYR A 197 -9.23 -1.61 -0.64
C TYR A 197 -8.48 -0.43 -1.26
N PHE A 198 -8.24 0.61 -0.45
CA PHE A 198 -7.54 1.81 -0.90
C PHE A 198 -6.12 1.90 -0.35
N VAL A 199 -5.17 2.38 -1.16
CA VAL A 199 -3.79 2.50 -0.68
C VAL A 199 -3.69 3.68 0.26
N THR A 200 -3.30 3.40 1.50
CA THR A 200 -3.17 4.44 2.50
C THR A 200 -1.72 4.61 3.00
N GLY A 201 -0.85 3.64 2.72
CA GLY A 201 0.53 3.79 3.18
C GLY A 201 1.59 2.98 2.45
N ILE A 202 2.85 3.28 2.76
CA ILE A 202 4.00 2.59 2.21
C ILE A 202 4.93 2.16 3.36
N VAL A 203 5.24 0.86 3.45
CA VAL A 203 6.14 0.35 4.49
C VAL A 203 7.45 1.14 4.45
N SER A 204 7.77 1.86 5.52
CA SER A 204 8.99 2.66 5.53
C SER A 204 10.08 2.19 6.50
N TRP A 205 9.81 2.21 7.80
CA TRP A 205 10.82 1.77 8.76
C TRP A 205 10.31 1.49 10.16
N GLY A 206 11.20 0.92 10.97
CA GLY A 206 10.89 0.61 12.35
C GLY A 206 12.15 0.38 13.17
N GLU A 207 12.04 0.54 14.49
CA GLU A 207 13.17 0.31 15.38
C GLU A 207 13.05 -1.16 15.78
N GLY A 208 13.76 -2.02 15.06
CA GLY A 208 13.69 -3.43 15.32
C GLY A 208 12.43 -3.94 14.63
N CYS A 209 11.75 -4.91 15.22
CA CYS A 209 10.52 -5.45 14.64
C CYS A 209 9.63 -6.05 15.70
N ALA A 210 8.43 -5.50 15.84
CA ALA A 210 7.45 -5.99 16.81
C ALA A 210 7.90 -5.75 18.24
N ARG A 211 8.95 -4.96 18.41
CA ARG A 211 9.47 -4.65 19.73
C ARG A 211 8.43 -3.99 20.61
N LYS A 212 8.54 -4.21 21.91
CA LYS A 212 7.61 -3.61 22.87
C LYS A 212 7.89 -2.12 22.97
N GLY A 213 6.84 -1.31 22.92
CA GLY A 213 7.01 0.12 22.99
C GLY A 213 7.43 0.71 21.66
N LYS A 214 7.38 -0.09 20.61
CA LYS A 214 7.74 0.34 19.26
C LYS A 214 6.65 -0.04 18.26
N TYR A 215 6.43 0.85 17.29
CA TYR A 215 5.40 0.66 16.27
C TYR A 215 6.02 0.62 14.87
N GLY A 216 5.17 0.53 13.85
CA GLY A 216 5.65 0.51 12.48
C GLY A 216 5.46 1.88 11.86
N ILE A 217 6.42 2.34 11.08
CA ILE A 217 6.32 3.65 10.46
C ILE A 217 6.06 3.55 8.95
N TYR A 218 5.00 4.23 8.51
CA TYR A 218 4.60 4.22 7.11
C TYR A 218 4.57 5.61 6.49
N THR A 219 4.79 5.65 5.18
CA THR A 219 4.74 6.92 4.46
C THR A 219 3.25 7.22 4.29
N LYS A 220 2.84 8.44 4.62
CA LYS A 220 1.44 8.81 4.49
C LYS A 220 1.08 9.18 3.05
N VAL A 221 0.45 8.24 2.36
CA VAL A 221 0.05 8.41 0.98
C VAL A 221 -0.87 9.61 0.68
N THR A 222 -1.75 9.95 1.61
CA THR A 222 -2.64 11.10 1.36
C THR A 222 -1.83 12.40 1.26
N ALA A 223 -0.58 12.35 1.71
CA ALA A 223 0.28 13.52 1.67
C ALA A 223 0.91 13.69 0.27
N PHE A 224 0.88 12.62 -0.51
CA PHE A 224 1.49 12.66 -1.84
C PHE A 224 0.55 12.39 -3.00
N LEU A 225 -0.76 12.46 -2.79
CA LEU A 225 -1.69 12.19 -3.86
C LEU A 225 -1.47 12.99 -5.15
N LYS A 226 -1.14 14.28 -5.03
CA LYS A 226 -0.88 15.09 -6.23
C LYS A 226 0.46 14.69 -6.83
N TRP A 227 1.45 14.46 -5.95
CA TRP A 227 2.77 14.07 -6.40
C TRP A 227 2.59 12.79 -7.23
N ILE A 228 1.85 11.84 -6.68
CA ILE A 228 1.59 10.58 -7.35
C ILE A 228 0.94 10.83 -8.70
N ASP A 229 -0.06 11.72 -8.72
CA ASP A 229 -0.75 12.06 -9.94
C ASP A 229 0.22 12.54 -11.03
N ARG A 230 1.03 13.53 -10.68
CA ARG A 230 2.00 14.07 -11.63
C ARG A 230 2.94 12.97 -12.12
N SER A 231 3.42 12.15 -11.20
CA SER A 231 4.33 11.06 -11.55
C SER A 231 3.75 10.10 -12.58
N MET A 232 2.44 9.89 -12.52
CA MET A 232 1.78 8.98 -13.46
C MET A 232 1.47 9.64 -14.81
N LYS A 233 2.16 10.73 -15.11
CA LYS A 233 1.99 11.45 -16.37
C LYS A 233 3.36 11.69 -17.00
N THR A 234 4.34 12.00 -16.16
CA THR A 234 5.71 12.25 -16.61
C THR A 234 6.63 11.17 -16.03
N LYS B 1 -25.64 14.82 9.63
CA LYS B 1 -24.16 14.83 9.45
C LYS B 1 -23.73 14.77 7.98
N LEU B 2 -24.67 14.50 7.08
CA LEU B 2 -24.37 14.41 5.65
C LEU B 2 -23.31 13.34 5.34
N CYS B 3 -22.09 13.77 5.04
CA CYS B 3 -20.99 12.84 4.73
C CYS B 3 -20.55 12.12 5.99
N SER B 4 -20.75 12.77 7.13
CA SER B 4 -20.37 12.21 8.43
C SER B 4 -21.40 11.20 8.88
N LEU B 5 -22.51 11.13 8.17
CA LEU B 5 -23.56 10.18 8.51
C LEU B 5 -23.47 9.00 7.54
N ASP B 6 -22.75 7.97 7.96
CA ASP B 6 -22.58 6.78 7.15
C ASP B 6 -22.14 7.12 5.73
N ASN B 7 -21.11 7.95 5.61
CA ASN B 7 -20.56 8.35 4.32
C ASN B 7 -21.63 8.90 3.37
N GLY B 8 -22.69 9.47 3.95
CA GLY B 8 -23.77 10.04 3.14
C GLY B 8 -24.44 9.06 2.19
N ASP B 9 -24.37 7.77 2.53
CA ASP B 9 -24.97 6.69 1.74
C ASP B 9 -24.22 6.43 0.42
N CYS B 10 -22.97 6.89 0.32
CA CYS B 10 -22.20 6.72 -0.92
C CYS B 10 -21.41 5.42 -0.86
N ASP B 11 -21.10 4.85 -2.02
CA ASP B 11 -20.30 3.63 -2.07
C ASP B 11 -18.83 3.96 -1.84
N GLN B 12 -18.39 5.11 -2.36
CA GLN B 12 -17.00 5.52 -2.21
C GLN B 12 -16.82 6.97 -1.73
N PHE B 13 -16.27 7.83 -2.56
CA PHE B 13 -16.04 9.21 -2.17
C PHE B 13 -17.32 9.97 -1.89
N CYS B 14 -17.26 10.81 -0.86
CA CYS B 14 -18.39 11.63 -0.48
C CYS B 14 -17.89 13.07 -0.31
N HIS B 15 -18.63 14.01 -0.90
CA HIS B 15 -18.31 15.42 -0.82
C HIS B 15 -19.62 16.15 -0.48
N GLU B 16 -19.49 17.32 0.13
CA GLU B 16 -20.68 18.09 0.48
C GLU B 16 -20.68 19.37 -0.35
N GLU B 17 -21.58 19.44 -1.30
CA GLU B 17 -21.72 20.60 -2.17
C GLU B 17 -23.08 21.25 -1.98
N GLN B 18 -23.09 22.57 -1.76
CA GLN B 18 -24.35 23.30 -1.55
C GLN B 18 -25.06 22.74 -0.33
N ASN B 19 -24.28 22.24 0.63
CA ASN B 19 -24.83 21.66 1.85
C ASN B 19 -25.67 20.41 1.56
N SER B 20 -25.21 19.64 0.58
CA SER B 20 -25.87 18.40 0.19
C SER B 20 -24.81 17.35 -0.12
N VAL B 21 -25.20 16.08 -0.10
CA VAL B 21 -24.26 15.01 -0.39
C VAL B 21 -24.05 14.81 -1.87
N VAL B 22 -22.80 14.65 -2.26
CA VAL B 22 -22.45 14.40 -3.64
C VAL B 22 -21.45 13.24 -3.61
N CYS B 23 -21.79 12.14 -4.26
CA CYS B 23 -20.92 10.96 -4.29
C CYS B 23 -20.12 10.94 -5.60
N SER B 24 -18.99 10.24 -5.56
CA SER B 24 -18.09 10.08 -6.71
C SER B 24 -17.34 8.76 -6.56
N CYS B 25 -16.81 8.24 -7.66
CA CYS B 25 -16.09 6.96 -7.68
C CYS B 25 -14.62 7.07 -8.09
N ALA B 26 -13.85 6.02 -7.81
CA ALA B 26 -12.43 5.99 -8.18
C ALA B 26 -12.38 5.65 -9.67
N ARG B 27 -11.22 5.87 -10.28
CA ARG B 27 -11.03 5.61 -11.71
C ARG B 27 -11.31 4.15 -12.05
N GLY B 28 -12.20 3.94 -13.02
CA GLY B 28 -12.57 2.59 -13.41
C GLY B 28 -13.97 2.24 -12.94
N TYR B 29 -14.57 3.14 -12.16
CA TYR B 29 -15.93 2.95 -11.65
C TYR B 29 -16.84 4.02 -12.22
N THR B 30 -18.12 3.70 -12.37
CA THR B 30 -19.09 4.66 -12.89
C THR B 30 -20.19 4.84 -11.85
N LEU B 31 -20.57 6.08 -11.60
CA LEU B 31 -21.61 6.36 -10.62
C LEU B 31 -22.94 5.85 -11.16
N ALA B 32 -23.63 5.04 -10.36
CA ALA B 32 -24.92 4.49 -10.79
C ALA B 32 -25.98 5.58 -10.90
N ASP B 33 -27.15 5.20 -11.43
CA ASP B 33 -28.28 6.09 -11.63
C ASP B 33 -28.84 6.70 -10.35
N ASN B 34 -28.65 6.02 -9.21
CA ASN B 34 -29.14 6.54 -7.94
C ASN B 34 -28.17 7.57 -7.40
N GLY B 35 -27.05 7.74 -8.10
CA GLY B 35 -26.04 8.70 -7.71
C GLY B 35 -25.34 8.38 -6.40
N LYS B 36 -25.27 7.09 -6.07
CA LYS B 36 -24.64 6.66 -4.82
C LYS B 36 -23.77 5.40 -4.97
N ALA B 37 -24.23 4.43 -5.76
CA ALA B 37 -23.48 3.21 -5.96
C ALA B 37 -22.42 3.42 -7.04
N CYS B 38 -21.34 2.67 -6.93
CA CYS B 38 -20.24 2.74 -7.89
C CYS B 38 -20.16 1.43 -8.63
N ILE B 39 -20.28 1.50 -9.94
CA ILE B 39 -20.26 0.33 -10.82
C ILE B 39 -18.94 0.17 -11.56
N PRO B 40 -18.32 -1.02 -11.49
CA PRO B 40 -17.05 -1.20 -12.20
C PRO B 40 -17.27 -1.33 -13.70
N THR B 41 -16.28 -0.90 -14.48
CA THR B 41 -16.35 -0.93 -15.94
C THR B 41 -15.59 -2.11 -16.54
N GLY B 42 -14.73 -2.76 -15.75
CA GLY B 42 -13.97 -3.88 -16.25
C GLY B 42 -14.02 -5.10 -15.35
N PRO B 43 -13.28 -6.16 -15.68
CA PRO B 43 -13.25 -7.39 -14.88
C PRO B 43 -12.31 -7.31 -13.67
N TYR B 44 -11.34 -6.38 -13.70
CA TYR B 44 -10.41 -6.22 -12.60
C TYR B 44 -10.35 -4.80 -12.06
N PRO B 45 -11.46 -4.32 -11.49
CA PRO B 45 -11.54 -2.96 -10.93
C PRO B 45 -10.60 -2.80 -9.75
N CYS B 46 -10.03 -1.62 -9.58
CA CYS B 46 -9.09 -1.43 -8.49
C CYS B 46 -9.76 -1.59 -7.14
N GLY B 47 -8.98 -1.99 -6.14
CA GLY B 47 -9.51 -2.18 -4.80
C GLY B 47 -10.24 -3.47 -4.54
N LYS B 48 -10.45 -4.30 -5.55
CA LYS B 48 -11.16 -5.57 -5.33
C LYS B 48 -10.28 -6.81 -5.41
N GLN B 49 -10.39 -7.67 -4.40
CA GLN B 49 -9.63 -8.90 -4.37
C GLN B 49 -10.13 -9.74 -5.53
N THR B 50 -9.24 -10.48 -6.18
CA THR B 50 -9.67 -11.31 -7.30
C THR B 50 -10.05 -12.64 -6.69
N LEU B 51 -11.30 -12.74 -6.28
CA LEU B 51 -11.79 -13.95 -5.65
C LEU B 51 -12.83 -14.63 -6.51
N GLU B 52 -12.36 -15.50 -7.39
CA GLU B 52 -13.24 -16.23 -8.29
C GLU B 52 -12.49 -17.33 -9.02
#